data_8ZMF
#
_entry.id   8ZMF
#
_cell.length_a   88.840
_cell.length_b   96.010
_cell.length_c   149.000
_cell.angle_alpha   90.000
_cell.angle_beta   90.000
_cell.angle_gamma   90.000
#
_symmetry.space_group_name_H-M   'C 2 2 2'
#
loop_
_entity.id
_entity.type
_entity.pdbx_description
1 polymer '5-hydroxytryptamine receptor 2C,Soluble cytochrome b562'
2 non-polymer 1-[(4-fluorophenyl)methyl]-1-[(8~{S})-5-methyl-5-azaspiro[2.5]octan-8-yl]-3-[[4-(2-methylpropoxy)phenyl]methyl]urea
#
_entity_poly.entity_id   1
_entity_poly.type   'polypeptide(L)'
_entity_poly.pdbx_seq_one_letter_code
;MKTIIALSYIFCLVFADYKDDDDGAPTSDGGRFKFPDGVQNWPALSIVIIIIMTIGGNILVIMAVSMEKKLHNATNYFLM
SLAIADMLVGLLVMPLSLLAILYDYVWPLPRYLCPVWISLDVLFSTASIMHLCAISLDRYVAIRNPIEHSRFNSRTKAIM
KIAIVWAISIGVSVPIPVIGLRDEEKVFVNNTTCVLNDPNFVLIGSFVAFFIPLTIMVITYCLTIYVLRRQAADLEDNWE
TLNDNLKVIEKADNAAQVKDALTKMRAAALDAQKATPPKLEDKSPDSPEMKDFRHGFDILVGQIDDALKLANEGKVKEAQ
AAAEQLKTTRNAYIQKYLQAINNERKASKVLGIVFFVFLIMWCPFFITNILSVLCEKSCNQKLMEKLLNVFVWIGYVNSG
INPLVYTLFNKIYRRAFSNYLRCNYKVEKKPLEENLYFQ
;
_entity_poly.pdbx_strand_id   A
#
# COMPACT_ATOMS: atom_id res chain seq x y z
N LYS A 34 -21.50 -1.50 22.63
CA LYS A 34 -20.96 -1.40 23.98
C LYS A 34 -22.01 -0.86 24.94
N PHE A 35 -22.84 -1.77 25.45
CA PHE A 35 -23.95 -1.37 26.33
C PHE A 35 -23.50 -0.65 27.60
N PRO A 36 -22.44 -1.09 28.32
CA PRO A 36 -21.48 -2.18 28.15
C PRO A 36 -21.91 -3.50 28.79
N ASP A 37 -23.16 -3.59 29.21
CA ASP A 37 -23.66 -4.82 29.82
C ASP A 37 -23.58 -5.97 28.82
N GLY A 38 -22.94 -7.07 29.23
CA GLY A 38 -22.81 -8.25 28.41
C GLY A 38 -21.45 -8.44 27.75
N VAL A 39 -20.47 -7.58 28.04
CA VAL A 39 -19.16 -7.71 27.42
C VAL A 39 -18.41 -8.88 28.04
N GLN A 40 -17.38 -9.36 27.32
CA GLN A 40 -16.63 -10.55 27.73
C GLN A 40 -15.12 -10.39 27.69
N ASN A 41 -14.57 -9.40 26.97
CA ASN A 41 -13.12 -9.25 26.83
C ASN A 41 -12.78 -7.76 26.93
N TRP A 42 -12.50 -7.30 28.14
CA TRP A 42 -12.18 -5.90 28.38
C TRP A 42 -10.76 -5.50 27.97
N PRO A 43 -9.74 -6.33 28.19
CA PRO A 43 -8.38 -5.94 27.76
C PRO A 43 -8.29 -5.68 26.28
N ALA A 44 -9.19 -6.24 25.47
CA ALA A 44 -9.22 -5.93 24.04
C ALA A 44 -9.43 -4.45 23.78
N LEU A 45 -10.02 -3.72 24.73
CA LEU A 45 -10.16 -2.28 24.56
C LEU A 45 -8.82 -1.60 24.34
N SER A 46 -7.73 -2.22 24.83
CA SER A 46 -6.39 -1.67 24.63
C SER A 46 -6.00 -1.62 23.16
N ILE A 47 -6.79 -2.20 22.26
CA ILE A 47 -6.54 -2.08 20.82
C ILE A 47 -6.93 -0.71 20.28
N VAL A 48 -7.61 0.13 21.07
CA VAL A 48 -8.01 1.45 20.58
C VAL A 48 -6.80 2.24 20.12
N ILE A 49 -5.64 2.05 20.78
CA ILE A 49 -4.42 2.74 20.36
C ILE A 49 -4.13 2.47 18.89
N ILE A 50 -4.18 1.19 18.50
CA ILE A 50 -3.97 0.81 17.10
C ILE A 50 -4.93 1.57 16.19
N ILE A 51 -6.18 1.74 16.64
CA ILE A 51 -7.14 2.50 15.84
C ILE A 51 -6.76 3.97 15.80
N ILE A 52 -6.40 4.54 16.96
CA ILE A 52 -6.13 5.98 17.03
C ILE A 52 -5.02 6.36 16.07
N MET A 53 -3.97 5.54 16.02
CA MET A 53 -2.86 5.81 15.12
C MET A 53 -3.22 5.52 13.66
N THR A 54 -4.09 4.55 13.41
CA THR A 54 -4.44 4.21 12.03
C THR A 54 -5.12 5.38 11.34
N ILE A 55 -6.06 6.03 12.02
CA ILE A 55 -6.68 7.23 11.48
C ILE A 55 -5.65 8.36 11.38
N GLY A 56 -5.11 8.77 12.52
CA GLY A 56 -4.30 9.98 12.57
C GLY A 56 -3.16 9.98 11.59
N GLY A 57 -2.41 8.88 11.55
CA GLY A 57 -1.29 8.81 10.61
C GLY A 57 -1.72 9.05 9.19
N ASN A 58 -2.80 8.37 8.77
CA ASN A 58 -3.31 8.59 7.42
C ASN A 58 -3.81 10.02 7.27
N ILE A 59 -4.44 10.57 8.31
CA ILE A 59 -4.82 11.98 8.28
C ILE A 59 -3.58 12.84 8.03
N LEU A 60 -2.48 12.52 8.70
CA LEU A 60 -1.25 13.27 8.50
C LEU A 60 -0.80 13.21 7.05
N VAL A 61 -1.03 12.08 6.38
CA VAL A 61 -0.76 12.02 4.95
C VAL A 61 -1.73 12.92 4.19
N ILE A 62 -3.01 12.82 4.52
CA ILE A 62 -4.03 13.63 3.84
C ILE A 62 -3.79 15.11 4.12
N MET A 63 -3.42 15.46 5.35
CA MET A 63 -3.04 16.83 5.64
C MET A 63 -1.80 17.25 4.87
N ALA A 64 -0.90 16.31 4.59
CA ALA A 64 0.36 16.67 3.94
C ALA A 64 0.17 16.91 2.45
N VAL A 65 -0.23 15.87 1.71
CA VAL A 65 -0.42 15.95 0.27
C VAL A 65 -1.39 17.05 -0.13
N SER A 66 -2.11 17.63 0.82
CA SER A 66 -2.96 18.79 0.58
C SER A 66 -2.28 20.11 0.96
N MET A 67 -1.68 20.18 2.15
CA MET A 67 -1.15 21.45 2.63
C MET A 67 0.29 21.71 2.21
N GLU A 68 1.02 20.69 1.76
CA GLU A 68 2.39 20.86 1.30
C GLU A 68 2.38 20.88 -0.23
N LYS A 69 2.86 21.99 -0.81
CA LYS A 69 2.86 22.12 -2.26
C LYS A 69 3.82 21.13 -2.91
N LYS A 70 4.86 20.72 -2.20
CA LYS A 70 5.86 19.80 -2.75
C LYS A 70 5.38 18.36 -2.77
N LEU A 71 4.09 18.11 -2.56
CA LEU A 71 3.52 16.78 -2.61
C LEU A 71 2.38 16.69 -3.63
N HIS A 72 2.34 17.58 -4.61
CA HIS A 72 1.29 17.62 -5.60
C HIS A 72 1.81 16.95 -6.88
N ASN A 73 1.46 15.69 -7.07
CA ASN A 73 1.83 14.91 -8.23
C ASN A 73 0.95 13.67 -8.26
N ALA A 74 1.11 12.86 -9.32
CA ALA A 74 0.25 11.70 -9.49
C ALA A 74 0.44 10.68 -8.36
N THR A 75 1.70 10.33 -8.08
CA THR A 75 1.96 9.30 -7.07
C THR A 75 1.53 9.75 -5.68
N ASN A 76 1.78 11.01 -5.33
CA ASN A 76 1.39 11.48 -4.00
C ASN A 76 -0.11 11.65 -3.88
N TYR A 77 -0.80 11.99 -4.96
CA TYR A 77 -2.26 11.99 -4.92
C TYR A 77 -2.81 10.57 -4.78
N PHE A 78 -2.16 9.60 -5.43
CA PHE A 78 -2.46 8.19 -5.18
C PHE A 78 -2.30 7.86 -3.70
N LEU A 79 -1.21 8.34 -3.09
CA LEU A 79 -0.96 8.07 -1.68
C LEU A 79 -2.00 8.75 -0.79
N MET A 80 -2.47 9.94 -1.18
CA MET A 80 -3.57 10.57 -0.43
C MET A 80 -4.83 9.73 -0.51
N SER A 81 -5.15 9.21 -1.70
CA SER A 81 -6.30 8.31 -1.82
C SER A 81 -6.12 7.06 -0.96
N LEU A 82 -4.92 6.49 -0.96
CA LEU A 82 -4.62 5.33 -0.14
C LEU A 82 -4.77 5.65 1.34
N ALA A 83 -4.31 6.83 1.76
CA ALA A 83 -4.46 7.25 3.14
C ALA A 83 -5.92 7.43 3.51
N ILE A 84 -6.73 7.93 2.59
CA ILE A 84 -8.18 8.01 2.81
C ILE A 84 -8.74 6.60 3.05
N ALA A 85 -8.35 5.65 2.20
CA ALA A 85 -8.83 4.29 2.34
C ALA A 85 -8.41 3.67 3.68
N ASP A 86 -7.16 3.88 4.08
CA ASP A 86 -6.67 3.29 5.32
C ASP A 86 -7.29 3.95 6.54
N MET A 87 -7.46 5.27 6.51
CA MET A 87 -8.16 5.97 7.58
C MET A 87 -9.58 5.47 7.70
N LEU A 88 -10.24 5.21 6.56
CA LEU A 88 -11.58 4.64 6.61
C LEU A 88 -11.57 3.22 7.14
N VAL A 89 -10.51 2.46 6.86
CA VAL A 89 -10.36 1.15 7.51
C VAL A 89 -10.37 1.32 9.01
N GLY A 90 -9.50 2.19 9.53
CA GLY A 90 -9.42 2.40 10.96
C GLY A 90 -10.69 2.99 11.55
N LEU A 91 -11.46 3.72 10.74
CA LEU A 91 -12.68 4.39 11.20
C LEU A 91 -13.90 3.49 11.20
N LEU A 92 -13.99 2.55 10.27
CA LEU A 92 -15.22 1.78 10.12
C LEU A 92 -15.01 0.28 10.21
N VAL A 93 -13.92 -0.24 9.65
CA VAL A 93 -13.68 -1.68 9.68
C VAL A 93 -13.11 -2.10 11.02
N MET A 94 -12.09 -1.38 11.50
CA MET A 94 -11.45 -1.71 12.77
C MET A 94 -12.39 -1.59 13.98
N PRO A 95 -13.14 -0.49 14.18
CA PRO A 95 -13.92 -0.37 15.42
C PRO A 95 -14.96 -1.45 15.59
N LEU A 96 -15.61 -1.87 14.51
CA LEU A 96 -16.60 -2.94 14.62
C LEU A 96 -15.92 -4.28 14.94
N SER A 97 -14.75 -4.51 14.36
CA SER A 97 -14.00 -5.72 14.70
C SER A 97 -13.61 -5.73 16.17
N LEU A 98 -13.16 -4.58 16.69
CA LEU A 98 -12.80 -4.50 18.09
C LEU A 98 -14.02 -4.71 18.98
N LEU A 99 -15.16 -4.14 18.61
CA LEU A 99 -16.38 -4.34 19.37
C LEU A 99 -16.78 -5.82 19.38
N ALA A 100 -16.62 -6.50 18.24
CA ALA A 100 -16.88 -7.93 18.18
C ALA A 100 -15.93 -8.70 19.08
N ILE A 101 -14.65 -8.31 19.10
CA ILE A 101 -13.68 -8.95 19.97
C ILE A 101 -14.09 -8.78 21.43
N LEU A 102 -14.61 -7.60 21.77
CA LEU A 102 -15.06 -7.35 23.14
C LEU A 102 -16.13 -8.34 23.56
N TYR A 103 -17.07 -8.64 22.65
CA TYR A 103 -18.15 -9.58 22.94
C TYR A 103 -17.83 -11.00 22.50
N ASP A 104 -16.55 -11.36 22.42
CA ASP A 104 -16.10 -12.72 22.09
C ASP A 104 -16.67 -13.18 20.75
N TYR A 105 -16.58 -12.31 19.74
CA TYR A 105 -16.90 -12.64 18.36
C TYR A 105 -18.34 -13.15 18.20
N VAL A 106 -19.24 -12.66 19.05
CA VAL A 106 -20.67 -12.88 18.90
C VAL A 106 -21.27 -11.51 18.59
N TRP A 107 -21.62 -11.29 17.32
CA TRP A 107 -21.94 -9.99 16.75
C TRP A 107 -22.88 -9.19 17.66
N PRO A 108 -22.41 -8.08 18.23
CA PRO A 108 -23.23 -7.31 19.17
C PRO A 108 -24.13 -6.27 18.53
N LEU A 109 -23.90 -5.92 17.27
CA LEU A 109 -24.70 -4.94 16.56
C LEU A 109 -25.89 -5.63 15.88
N PRO A 110 -26.85 -4.85 15.37
CA PRO A 110 -27.98 -5.47 14.67
C PRO A 110 -27.52 -6.29 13.48
N ARG A 111 -28.32 -7.33 13.16
CA ARG A 111 -27.93 -8.31 12.16
C ARG A 111 -27.71 -7.70 10.78
N TYR A 112 -28.27 -6.52 10.51
CA TYR A 112 -28.11 -5.90 9.21
C TYR A 112 -26.78 -5.16 9.06
N LEU A 113 -25.94 -5.16 10.09
CA LEU A 113 -24.65 -4.49 10.03
C LEU A 113 -23.47 -5.44 9.80
N CYS A 114 -23.66 -6.74 10.03
CA CYS A 114 -22.61 -7.70 9.70
C CYS A 114 -22.28 -7.74 8.22
N PRO A 115 -23.25 -7.78 7.29
CA PRO A 115 -22.88 -7.68 5.87
C PRO A 115 -22.17 -6.39 5.54
N VAL A 116 -22.76 -5.25 5.92
CA VAL A 116 -22.18 -3.95 5.63
C VAL A 116 -20.71 -3.92 6.02
N TRP A 117 -20.43 -4.21 7.29
CA TRP A 117 -19.06 -4.20 7.77
C TRP A 117 -18.16 -5.04 6.86
N ILE A 118 -18.58 -6.28 6.58
CA ILE A 118 -17.78 -7.14 5.72
C ILE A 118 -17.54 -6.47 4.38
N SER A 119 -18.62 -5.98 3.76
CA SER A 119 -18.47 -5.33 2.46
C SER A 119 -17.55 -4.13 2.56
N LEU A 120 -17.67 -3.35 3.63
CA LEU A 120 -16.78 -2.21 3.80
C LEU A 120 -15.34 -2.66 3.81
N ASP A 121 -15.05 -3.74 4.56
CA ASP A 121 -13.75 -4.38 4.46
C ASP A 121 -13.39 -4.62 3.00
N VAL A 122 -14.22 -5.43 2.32
CA VAL A 122 -13.97 -5.79 0.93
C VAL A 122 -13.75 -4.57 0.08
N LEU A 123 -14.35 -3.44 0.46
CA LEU A 123 -14.11 -2.21 -0.30
C LEU A 123 -12.72 -1.67 0.01
N PHE A 124 -12.50 -1.24 1.25
CA PHE A 124 -11.38 -0.36 1.54
C PHE A 124 -10.06 -1.06 1.31
N SER A 125 -9.88 -2.25 1.92
CA SER A 125 -8.67 -3.03 1.71
C SER A 125 -8.41 -3.21 0.23
N THR A 126 -9.44 -3.55 -0.55
CA THR A 126 -9.22 -3.78 -1.97
C THR A 126 -8.66 -2.54 -2.64
N ALA A 127 -9.21 -1.37 -2.31
CA ALA A 127 -8.70 -0.13 -2.87
C ALA A 127 -7.20 -0.04 -2.67
N SER A 128 -6.74 -0.35 -1.45
CA SER A 128 -5.32 -0.29 -1.16
C SER A 128 -4.54 -1.19 -2.13
N ILE A 129 -4.93 -2.46 -2.23
CA ILE A 129 -4.18 -3.37 -3.08
C ILE A 129 -4.36 -3.01 -4.54
N MET A 130 -5.40 -2.25 -4.87
CA MET A 130 -5.50 -1.71 -6.22
C MET A 130 -4.57 -0.53 -6.40
N HIS A 131 -4.58 0.40 -5.44
CA HIS A 131 -3.77 1.60 -5.54
C HIS A 131 -2.30 1.25 -5.75
N LEU A 132 -1.76 0.42 -4.86
CA LEU A 132 -0.38 -0.04 -5.01
C LEU A 132 -0.18 -0.71 -6.37
N CYS A 133 -1.12 -1.58 -6.75
CA CYS A 133 -1.01 -2.26 -8.04
C CYS A 133 -1.02 -1.25 -9.18
N ALA A 134 -1.79 -0.17 -9.03
CA ALA A 134 -1.75 0.90 -10.01
C ALA A 134 -0.43 1.66 -9.94
N ILE A 135 0.04 1.94 -8.72
CA ILE A 135 1.25 2.75 -8.55
C ILE A 135 2.45 2.02 -9.16
N SER A 136 2.47 0.69 -9.04
CA SER A 136 3.51 -0.10 -9.69
C SER A 136 3.23 -0.32 -11.16
N LEU A 137 1.98 -0.22 -11.61
CA LEU A 137 1.67 -0.49 -13.01
C LEU A 137 2.01 0.71 -13.89
N ASP A 138 1.39 1.86 -13.60
CA ASP A 138 1.67 3.05 -14.40
C ASP A 138 3.16 3.36 -14.43
N ARG A 139 3.82 3.23 -13.28
CA ARG A 139 5.27 3.39 -13.20
C ARG A 139 5.97 2.53 -14.24
N TYR A 140 5.61 1.25 -14.30
CA TYR A 140 6.16 0.37 -15.33
C TYR A 140 5.78 0.86 -16.73
N VAL A 141 4.50 1.23 -16.91
CA VAL A 141 4.09 1.77 -18.19
C VAL A 141 4.73 3.13 -18.43
N ALA A 142 5.27 3.76 -17.39
CA ALA A 142 6.08 4.95 -17.59
C ALA A 142 7.45 4.58 -18.16
N ILE A 143 8.05 3.50 -17.67
CA ILE A 143 9.40 3.15 -18.11
C ILE A 143 9.37 2.52 -19.50
N ARG A 144 8.44 1.60 -19.74
CA ARG A 144 8.23 1.08 -21.08
C ARG A 144 7.44 2.10 -21.88
N ASN A 145 7.89 2.39 -23.10
CA ASN A 145 7.35 3.40 -24.01
C ASN A 145 6.99 4.68 -23.28
N PRO A 146 7.98 5.45 -22.81
CA PRO A 146 7.67 6.65 -22.02
C PRO A 146 6.94 7.73 -22.80
N ILE A 147 7.48 8.11 -23.96
CA ILE A 147 6.94 9.20 -24.78
C ILE A 147 6.83 10.49 -23.97
N PHE A 152 -4.73 14.23 -21.79
CA PHE A 152 -5.02 15.03 -20.60
C PHE A 152 -3.73 15.36 -19.86
N ASN A 153 -3.87 15.88 -18.65
CA ASN A 153 -2.74 16.27 -17.82
C ASN A 153 -2.50 15.24 -16.72
N SER A 154 -1.34 15.33 -16.08
CA SER A 154 -0.99 14.40 -15.01
C SER A 154 -1.97 14.49 -13.85
N ARG A 155 -2.30 15.70 -13.42
CA ARG A 155 -3.20 15.90 -12.30
C ARG A 155 -4.64 15.51 -12.62
N THR A 156 -4.93 15.15 -13.86
CA THR A 156 -6.24 14.65 -14.27
C THR A 156 -6.25 13.18 -14.64
N LYS A 157 -5.19 12.68 -15.29
CA LYS A 157 -5.10 11.23 -15.49
C LYS A 157 -4.90 10.51 -14.17
N ALA A 158 -4.28 11.17 -13.19
CA ALA A 158 -4.25 10.62 -11.84
C ALA A 158 -5.66 10.50 -11.27
N ILE A 159 -6.51 11.49 -11.52
CA ILE A 159 -7.91 11.42 -11.09
C ILE A 159 -8.62 10.27 -11.79
N MET A 160 -8.35 10.09 -13.09
CA MET A 160 -8.94 8.97 -13.82
C MET A 160 -8.55 7.63 -13.21
N LYS A 161 -7.26 7.47 -12.89
CA LYS A 161 -6.80 6.21 -12.32
C LYS A 161 -7.37 5.99 -10.91
N ILE A 162 -7.47 7.06 -10.12
CA ILE A 162 -8.11 6.95 -8.80
C ILE A 162 -9.55 6.50 -8.95
N ALA A 163 -10.27 7.10 -9.90
CA ALA A 163 -11.66 6.70 -10.14
C ALA A 163 -11.75 5.23 -10.56
N ILE A 164 -10.83 4.79 -11.42
CA ILE A 164 -10.87 3.40 -11.89
C ILE A 164 -10.65 2.44 -10.73
N VAL A 165 -9.64 2.69 -9.90
CA VAL A 165 -9.34 1.76 -8.82
C VAL A 165 -10.46 1.77 -7.78
N TRP A 166 -11.01 2.95 -7.47
CA TRP A 166 -12.12 3.02 -6.53
C TRP A 166 -13.35 2.30 -7.08
N ALA A 167 -13.63 2.44 -8.37
CA ALA A 167 -14.76 1.77 -8.98
C ALA A 167 -14.60 0.26 -8.94
N ILE A 168 -13.37 -0.23 -9.18
CA ILE A 168 -13.12 -1.66 -9.03
C ILE A 168 -13.40 -2.12 -7.61
N SER A 169 -12.93 -1.34 -6.63
CA SER A 169 -13.16 -1.69 -5.23
C SER A 169 -14.66 -1.74 -4.92
N ILE A 170 -15.41 -0.74 -5.40
CA ILE A 170 -16.85 -0.70 -5.16
C ILE A 170 -17.53 -1.89 -5.82
N GLY A 171 -17.14 -2.21 -7.05
CA GLY A 171 -17.73 -3.34 -7.74
C GLY A 171 -17.50 -4.65 -7.01
N VAL A 172 -16.34 -4.81 -6.38
CA VAL A 172 -16.10 -6.01 -5.60
C VAL A 172 -16.94 -6.00 -4.32
N SER A 173 -17.09 -4.83 -3.69
CA SER A 173 -17.75 -4.77 -2.38
C SER A 173 -19.26 -4.96 -2.48
N VAL A 174 -19.88 -4.35 -3.50
CA VAL A 174 -21.36 -4.22 -3.51
C VAL A 174 -22.10 -5.54 -3.43
N PRO A 175 -21.69 -6.62 -4.10
CA PRO A 175 -22.46 -7.88 -3.99
C PRO A 175 -22.59 -8.40 -2.57
N ILE A 176 -21.62 -8.13 -1.70
CA ILE A 176 -21.59 -8.75 -0.37
C ILE A 176 -22.85 -8.43 0.44
N PRO A 177 -23.31 -7.17 0.53
CA PRO A 177 -24.57 -6.94 1.26
C PRO A 177 -25.77 -7.67 0.68
N VAL A 178 -25.87 -7.78 -0.64
CA VAL A 178 -27.00 -8.49 -1.23
C VAL A 178 -26.96 -9.96 -0.83
N ILE A 179 -25.78 -10.58 -0.91
CA ILE A 179 -25.66 -11.99 -0.53
C ILE A 179 -25.97 -12.16 0.95
N GLY A 180 -25.42 -11.28 1.79
CA GLY A 180 -25.58 -11.44 3.23
C GLY A 180 -27.01 -11.20 3.70
N LEU A 181 -27.65 -10.15 3.22
CA LEU A 181 -29.00 -9.83 3.62
C LEU A 181 -30.02 -10.76 2.98
N ARG A 182 -29.70 -11.33 1.82
CA ARG A 182 -30.56 -12.34 1.23
C ARG A 182 -30.46 -13.66 2.00
N ASP A 183 -29.26 -14.22 2.07
CA ASP A 183 -28.99 -15.46 2.78
C ASP A 183 -28.02 -15.12 3.91
N GLU A 184 -28.55 -15.03 5.14
CA GLU A 184 -27.74 -14.63 6.29
C GLU A 184 -26.71 -15.67 6.69
N GLU A 185 -26.62 -16.79 5.98
CA GLU A 185 -25.69 -17.85 6.32
C GLU A 185 -24.36 -17.74 5.59
N LYS A 186 -24.25 -16.83 4.62
CA LYS A 186 -22.98 -16.53 3.97
C LYS A 186 -22.17 -15.48 4.71
N VAL A 187 -22.78 -14.80 5.68
CA VAL A 187 -22.07 -13.80 6.48
C VAL A 187 -22.08 -14.14 7.97
N PHE A 188 -22.99 -14.97 8.44
CA PHE A 188 -23.01 -15.41 9.83
C PHE A 188 -22.64 -16.90 9.89
N VAL A 189 -21.77 -17.24 10.83
CA VAL A 189 -21.36 -18.63 11.07
C VAL A 189 -21.90 -19.05 12.42
N ASN A 190 -22.67 -20.13 12.43
CA ASN A 190 -23.30 -20.65 13.64
C ASN A 190 -24.16 -19.60 14.33
N ASN A 191 -24.77 -18.73 13.53
CA ASN A 191 -25.82 -17.79 13.95
C ASN A 191 -25.28 -16.63 14.79
N THR A 192 -24.01 -16.67 15.16
CA THR A 192 -23.49 -15.62 16.03
C THR A 192 -22.25 -14.92 15.48
N THR A 193 -21.33 -15.66 14.86
CA THR A 193 -20.07 -15.10 14.43
C THR A 193 -20.21 -14.47 13.04
N CYS A 194 -19.65 -13.27 12.88
CA CYS A 194 -19.77 -12.51 11.63
C CYS A 194 -18.49 -12.67 10.83
N VAL A 195 -18.44 -13.70 9.99
CA VAL A 195 -17.34 -13.92 9.05
C VAL A 195 -17.93 -14.38 7.72
N LEU A 196 -17.21 -14.12 6.64
CA LEU A 196 -17.64 -14.59 5.33
C LEU A 196 -17.57 -16.10 5.28
N ASN A 197 -18.68 -16.73 4.91
CA ASN A 197 -18.83 -18.18 5.05
C ASN A 197 -18.89 -18.94 3.72
N ASP A 198 -19.42 -18.34 2.67
CA ASP A 198 -19.59 -19.05 1.40
C ASP A 198 -18.22 -19.36 0.80
N PRO A 199 -17.91 -20.63 0.53
CA PRO A 199 -16.56 -20.96 0.05
C PRO A 199 -16.23 -20.36 -1.32
N ASN A 200 -17.11 -20.56 -2.30
CA ASN A 200 -16.84 -20.07 -3.66
C ASN A 200 -16.55 -18.58 -3.65
N PHE A 201 -17.32 -17.80 -2.89
CA PHE A 201 -17.10 -16.36 -2.86
C PHE A 201 -15.77 -16.03 -2.22
N VAL A 202 -15.40 -16.74 -1.15
CA VAL A 202 -14.09 -16.51 -0.53
C VAL A 202 -12.97 -16.75 -1.53
N LEU A 203 -13.02 -17.88 -2.24
CA LEU A 203 -11.95 -18.21 -3.18
C LEU A 203 -11.90 -17.23 -4.34
N ILE A 204 -13.05 -16.95 -4.97
CA ILE A 204 -13.06 -16.09 -6.14
C ILE A 204 -12.65 -14.67 -5.77
N GLY A 205 -13.16 -14.16 -4.64
CA GLY A 205 -12.76 -12.84 -4.19
C GLY A 205 -11.30 -12.75 -3.81
N SER A 206 -10.73 -13.83 -3.25
CA SER A 206 -9.32 -13.83 -2.93
C SER A 206 -8.46 -13.84 -4.20
N PHE A 207 -8.90 -14.56 -5.23
CA PHE A 207 -8.11 -14.60 -6.46
C PHE A 207 -8.25 -13.32 -7.28
N VAL A 208 -9.42 -12.67 -7.25
CA VAL A 208 -9.64 -11.47 -8.05
C VAL A 208 -9.37 -10.17 -7.28
N ALA A 209 -9.19 -10.24 -5.97
CA ALA A 209 -8.92 -9.06 -5.18
C ALA A 209 -7.58 -9.11 -4.45
N PHE A 210 -6.96 -10.28 -4.32
CA PHE A 210 -5.64 -10.35 -3.73
C PHE A 210 -4.60 -10.92 -4.67
N PHE A 211 -4.84 -12.11 -5.25
CA PHE A 211 -3.78 -12.81 -5.97
C PHE A 211 -3.45 -12.12 -7.29
N ILE A 212 -4.47 -11.76 -8.07
CA ILE A 212 -4.21 -11.03 -9.32
C ILE A 212 -3.56 -9.67 -9.07
N PRO A 213 -4.10 -8.79 -8.20
CA PRO A 213 -3.42 -7.51 -7.99
C PRO A 213 -2.02 -7.66 -7.43
N LEU A 214 -1.83 -8.60 -6.49
CA LEU A 214 -0.50 -8.82 -5.93
C LEU A 214 0.47 -9.30 -6.99
N THR A 215 0.03 -10.22 -7.86
CA THR A 215 0.89 -10.74 -8.91
C THR A 215 1.30 -9.63 -9.88
N ILE A 216 0.33 -8.81 -10.29
CA ILE A 216 0.65 -7.69 -11.18
C ILE A 216 1.63 -6.75 -10.50
N MET A 217 1.39 -6.45 -9.22
CA MET A 217 2.28 -5.59 -8.46
C MET A 217 3.71 -6.11 -8.47
N VAL A 218 3.88 -7.40 -8.13
CA VAL A 218 5.22 -7.97 -8.02
C VAL A 218 5.93 -7.96 -9.37
N ILE A 219 5.24 -8.41 -10.41
CA ILE A 219 5.88 -8.51 -11.72
C ILE A 219 6.26 -7.12 -12.24
N THR A 220 5.34 -6.16 -12.12
CA THR A 220 5.63 -4.81 -12.58
C THR A 220 6.80 -4.19 -11.80
N TYR A 221 6.81 -4.39 -10.48
CA TYR A 221 7.89 -3.81 -9.69
C TYR A 221 9.24 -4.42 -10.06
N CYS A 222 9.29 -5.73 -10.26
CA CYS A 222 10.55 -6.36 -10.62
C CYS A 222 11.05 -5.89 -11.99
N LEU A 223 10.16 -5.83 -12.97
CA LEU A 223 10.57 -5.35 -14.29
C LEU A 223 11.02 -3.90 -14.22
N THR A 224 10.31 -3.08 -13.45
CA THR A 224 10.68 -1.67 -13.29
C THR A 224 12.06 -1.53 -12.68
N ILE A 225 12.32 -2.25 -11.58
CA ILE A 225 13.61 -2.12 -10.89
C ILE A 225 14.73 -2.73 -11.72
N TYR A 226 14.42 -3.59 -12.69
CA TYR A 226 15.43 -4.09 -13.61
C TYR A 226 15.79 -3.03 -14.66
N VAL A 227 14.77 -2.49 -15.33
CA VAL A 227 15.03 -1.51 -16.38
C VAL A 227 15.72 -0.28 -15.81
N LEU A 228 15.30 0.15 -14.60
CA LEU A 228 15.91 1.33 -14.00
C LEU A 228 17.40 1.15 -13.79
N ARG A 229 17.81 -0.01 -13.28
CA ARG A 229 19.23 -0.28 -13.11
C ARG A 229 19.95 -0.24 -14.45
N ARG A 230 19.36 -0.84 -15.48
CA ARG A 230 20.04 -0.85 -16.78
C ARG A 230 20.25 0.56 -17.31
N GLN A 231 19.21 1.41 -17.27
CA GLN A 231 19.35 2.77 -17.79
C GLN A 231 20.34 3.59 -16.96
N ALA A 232 20.29 3.45 -15.63
CA ALA A 232 21.23 4.16 -14.79
C ALA A 232 22.66 3.67 -14.97
N ALA A 233 22.83 2.39 -15.31
CA ALA A 233 24.16 1.77 -15.30
C ALA A 233 25.12 2.48 -16.24
N ASP A 234 24.64 2.84 -17.44
CA ASP A 234 25.51 3.48 -18.43
C ASP A 234 26.19 4.72 -17.85
N LEU A 235 25.39 5.65 -17.33
CA LEU A 235 25.95 6.92 -16.84
C LEU A 235 26.81 6.70 -15.61
N GLU A 236 26.37 5.88 -14.65
CA GLU A 236 27.09 5.78 -13.39
C GLU A 236 28.43 5.06 -13.53
N ASP A 237 28.52 4.08 -14.44
CA ASP A 237 29.80 3.39 -14.64
C ASP A 237 30.84 4.30 -15.26
N ASN A 238 30.49 4.98 -16.35
CA ASN A 238 31.40 5.91 -17.01
C ASN A 238 31.76 7.07 -16.08
N TRP A 239 30.77 7.60 -15.37
CA TRP A 239 31.01 8.69 -14.44
C TRP A 239 31.95 8.25 -13.32
N GLU A 240 31.77 7.04 -12.81
CA GLU A 240 32.67 6.51 -11.80
C GLU A 240 34.09 6.38 -12.34
N THR A 241 34.23 5.93 -13.58
CA THR A 241 35.55 5.84 -14.19
C THR A 241 36.23 7.21 -14.22
N LEU A 242 35.53 8.21 -14.76
CA LEU A 242 36.16 9.53 -14.89
C LEU A 242 36.42 10.16 -13.53
N ASN A 243 35.52 9.94 -12.57
CA ASN A 243 35.71 10.49 -11.22
C ASN A 243 36.90 9.84 -10.52
N ASP A 244 37.08 8.53 -10.67
CA ASP A 244 38.25 7.87 -10.09
C ASP A 244 39.54 8.39 -10.72
N ASN A 245 39.54 8.57 -12.05
CA ASN A 245 40.73 9.08 -12.72
C ASN A 245 41.06 10.50 -12.26
N LEU A 246 40.03 11.32 -12.01
CA LEU A 246 40.28 12.62 -11.40
C LEU A 246 40.74 12.49 -9.96
N LYS A 247 40.25 11.48 -9.25
CA LYS A 247 40.67 11.23 -7.86
C LYS A 247 42.15 10.94 -7.78
N VAL A 248 42.72 10.28 -8.78
CA VAL A 248 44.17 10.09 -8.80
C VAL A 248 44.89 11.44 -8.71
N ILE A 249 44.62 12.33 -9.65
CA ILE A 249 45.24 13.65 -9.65
C ILE A 249 44.19 14.74 -9.38
N ALA A 261 46.27 8.63 -15.68
CA ALA A 261 45.03 8.97 -15.00
C ALA A 261 44.12 9.81 -15.88
N LEU A 262 44.61 10.99 -16.27
CA LEU A 262 43.79 11.91 -17.05
C LEU A 262 43.45 11.34 -18.43
N THR A 263 44.33 10.50 -18.99
CA THR A 263 44.05 9.87 -20.27
C THR A 263 42.87 8.91 -20.19
N LYS A 264 42.57 8.39 -19.00
CA LYS A 264 41.47 7.46 -18.81
C LYS A 264 40.14 8.16 -18.53
N MET A 265 40.11 9.49 -18.57
CA MET A 265 38.91 10.26 -18.30
C MET A 265 38.11 10.58 -19.55
N ARG A 266 38.80 10.83 -20.67
CA ARG A 266 38.11 11.34 -21.87
C ARG A 266 37.07 10.35 -22.37
N ALA A 267 37.43 9.07 -22.49
CA ALA A 267 36.51 8.08 -23.03
C ALA A 267 35.31 7.85 -22.11
N ALA A 268 35.49 8.00 -20.79
CA ALA A 268 34.37 7.87 -19.88
C ALA A 268 33.33 8.94 -20.14
N ALA A 269 33.76 10.20 -20.28
CA ALA A 269 32.84 11.27 -20.62
C ALA A 269 32.25 11.09 -22.01
N LEU A 270 33.03 10.56 -22.95
CA LEU A 270 32.50 10.23 -24.27
C LEU A 270 31.34 9.25 -24.16
N ASP A 271 31.54 8.17 -23.41
CA ASP A 271 30.50 7.16 -23.24
C ASP A 271 29.29 7.72 -22.52
N ALA A 272 29.51 8.57 -21.51
CA ALA A 272 28.39 9.20 -20.81
C ALA A 272 27.61 10.12 -21.74
N GLN A 273 28.32 10.88 -22.59
CA GLN A 273 27.67 11.75 -23.56
C GLN A 273 26.84 10.93 -24.56
N LYS A 274 27.37 9.77 -24.96
CA LYS A 274 26.60 8.87 -25.82
C LYS A 274 25.36 8.37 -25.10
N ALA A 275 25.51 7.96 -23.84
CA ALA A 275 24.40 7.46 -23.01
C ALA A 275 23.62 6.34 -23.69
N ARG A 294 23.35 17.75 -21.40
CA ARG A 294 24.01 16.91 -22.40
C ARG A 294 25.42 17.42 -22.70
N HIS A 295 25.55 18.74 -22.79
CA HIS A 295 26.81 19.36 -23.17
C HIS A 295 27.70 19.70 -21.97
N GLY A 296 27.29 19.32 -20.76
CA GLY A 296 28.13 19.58 -19.60
C GLY A 296 29.41 18.79 -19.57
N PHE A 297 29.45 17.65 -20.26
CA PHE A 297 30.66 16.84 -20.35
C PHE A 297 31.56 17.22 -21.51
N ASP A 298 31.02 17.83 -22.56
CA ASP A 298 31.82 18.18 -23.72
C ASP A 298 32.93 19.17 -23.37
N ILE A 299 32.69 20.02 -22.37
CA ILE A 299 33.72 20.96 -21.91
C ILE A 299 34.51 20.32 -20.79
N LEU A 300 33.85 20.00 -19.69
CA LEU A 300 34.48 19.45 -18.49
C LEU A 300 35.70 20.27 -18.05
N THR A 329 33.40 22.63 -12.40
CA THR A 329 32.62 22.10 -13.52
C THR A 329 31.80 20.90 -13.07
N ARG A 330 32.38 20.10 -12.17
CA ARG A 330 31.78 18.82 -11.82
C ARG A 330 30.41 19.01 -11.19
N ASN A 331 30.23 20.05 -10.38
CA ASN A 331 28.97 20.25 -9.67
C ASN A 331 27.77 20.24 -10.62
N ALA A 332 27.71 21.20 -11.54
CA ALA A 332 26.43 21.53 -12.15
C ALA A 332 25.75 20.35 -12.84
N TYR A 333 26.32 19.89 -13.95
CA TYR A 333 25.62 18.94 -14.81
C TYR A 333 25.61 17.54 -14.21
N ILE A 334 26.75 17.12 -13.65
CA ILE A 334 26.83 15.84 -12.96
C ILE A 334 25.79 15.79 -11.85
N GLN A 335 25.89 16.68 -10.86
CA GLN A 335 24.98 16.64 -9.72
C GLN A 335 23.53 16.74 -10.17
N LYS A 336 23.25 17.52 -11.22
CA LYS A 336 21.89 17.61 -11.72
C LYS A 336 21.37 16.25 -12.17
N TYR A 337 22.03 15.64 -13.16
CA TYR A 337 21.52 14.38 -13.69
C TYR A 337 21.66 13.24 -12.69
N LEU A 338 22.73 13.25 -11.90
CA LEU A 338 22.95 12.16 -10.94
C LEU A 338 21.94 12.23 -9.80
N GLN A 339 21.56 13.43 -9.36
CA GLN A 339 20.53 13.55 -8.32
C GLN A 339 19.19 13.03 -8.82
N ALA A 340 18.88 13.27 -10.10
CA ALA A 340 17.62 12.80 -10.65
C ALA A 340 17.51 11.28 -10.62
N ILE A 341 18.60 10.59 -10.95
CA ILE A 341 18.62 9.13 -10.91
C ILE A 341 18.41 8.62 -9.49
N ASN A 342 19.13 9.22 -8.54
CA ASN A 342 19.13 8.70 -7.18
C ASN A 342 17.79 8.93 -6.47
N ASN A 343 17.14 10.06 -6.73
CA ASN A 343 15.80 10.29 -6.21
C ASN A 343 14.85 9.18 -6.65
N GLU A 344 14.95 8.78 -7.91
CA GLU A 344 14.17 7.66 -8.42
C GLU A 344 14.51 6.38 -7.68
N ARG A 345 15.79 6.13 -7.43
CA ARG A 345 16.18 4.93 -6.69
C ARG A 345 15.54 4.91 -5.31
N LYS A 346 15.56 6.06 -4.62
CA LYS A 346 14.93 6.14 -3.30
C LYS A 346 13.43 5.87 -3.39
N ALA A 347 12.76 6.45 -4.41
CA ALA A 347 11.34 6.22 -4.56
C ALA A 347 11.03 4.74 -4.83
N SER A 348 11.89 4.08 -5.62
CA SER A 348 11.72 2.66 -5.88
C SER A 348 11.88 1.86 -4.59
N LYS A 349 12.84 2.22 -3.75
CA LYS A 349 12.98 1.58 -2.46
C LYS A 349 11.71 1.74 -1.63
N VAL A 350 11.17 2.95 -1.58
CA VAL A 350 9.98 3.21 -0.78
C VAL A 350 8.79 2.39 -1.29
N LEU A 351 8.59 2.40 -2.61
CA LEU A 351 7.47 1.65 -3.17
C LEU A 351 7.62 0.16 -2.93
N GLY A 352 8.84 -0.36 -3.09
CA GLY A 352 9.08 -1.77 -2.79
C GLY A 352 8.80 -2.10 -1.34
N ILE A 353 9.22 -1.22 -0.42
CA ILE A 353 8.98 -1.46 1.00
C ILE A 353 7.49 -1.46 1.31
N VAL A 354 6.74 -0.52 0.72
CA VAL A 354 5.30 -0.48 0.97
C VAL A 354 4.63 -1.75 0.43
N PHE A 355 4.90 -2.09 -0.82
CA PHE A 355 4.35 -3.32 -1.38
C PHE A 355 4.71 -4.53 -0.53
N PHE A 356 5.95 -4.55 -0.04
CA PHE A 356 6.44 -5.77 0.60
C PHE A 356 5.92 -5.91 2.02
N VAL A 357 5.81 -4.80 2.75
CA VAL A 357 5.11 -4.83 4.03
C VAL A 357 3.67 -5.28 3.81
N PHE A 358 3.03 -4.79 2.73
CA PHE A 358 1.65 -5.18 2.47
C PHE A 358 1.51 -6.69 2.27
N LEU A 359 2.29 -7.27 1.35
CA LEU A 359 2.09 -8.69 1.08
C LEU A 359 2.54 -9.55 2.26
N ILE A 360 3.60 -9.13 2.97
CA ILE A 360 4.03 -9.89 4.14
C ILE A 360 2.94 -9.90 5.22
N MET A 361 2.30 -8.76 5.44
CA MET A 361 1.30 -8.67 6.50
C MET A 361 -0.05 -9.26 6.12
N TRP A 362 -0.36 -9.35 4.83
CA TRP A 362 -1.66 -9.90 4.43
C TRP A 362 -1.60 -11.37 4.01
N CYS A 363 -0.42 -11.90 3.69
CA CYS A 363 -0.34 -13.30 3.31
C CYS A 363 -0.80 -14.28 4.38
N PRO A 364 -0.45 -14.13 5.66
CA PRO A 364 -0.91 -15.14 6.65
C PRO A 364 -2.41 -15.37 6.63
N PHE A 365 -3.19 -14.30 6.65
CA PHE A 365 -4.65 -14.42 6.65
C PHE A 365 -5.14 -15.15 5.40
N PHE A 366 -4.62 -14.77 4.23
CA PHE A 366 -5.12 -15.33 2.99
C PHE A 366 -4.73 -16.79 2.83
N ILE A 367 -3.49 -17.13 3.15
CA ILE A 367 -3.06 -18.53 3.09
C ILE A 367 -3.90 -19.36 4.05
N THR A 368 -4.09 -18.87 5.28
CA THR A 368 -4.86 -19.64 6.25
C THR A 368 -6.31 -19.82 5.81
N ASN A 369 -6.92 -18.78 5.23
CA ASN A 369 -8.31 -18.90 4.82
C ASN A 369 -8.46 -19.85 3.63
N ILE A 370 -7.65 -19.67 2.59
CA ILE A 370 -7.78 -20.55 1.43
C ILE A 370 -7.34 -21.96 1.76
N LEU A 371 -6.54 -22.15 2.81
CA LEU A 371 -6.21 -23.50 3.25
C LEU A 371 -7.30 -24.10 4.13
N SER A 372 -8.02 -23.25 4.88
CA SER A 372 -9.17 -23.71 5.64
C SER A 372 -10.29 -24.16 4.71
N VAL A 373 -10.36 -23.59 3.50
CA VAL A 373 -11.32 -24.10 2.53
C VAL A 373 -10.75 -25.15 1.58
N LEU A 374 -9.42 -25.25 1.46
CA LEU A 374 -8.82 -26.33 0.68
C LEU A 374 -9.16 -27.68 1.29
N CYS A 375 -9.29 -27.75 2.61
CA CYS A 375 -9.73 -28.94 3.31
C CYS A 375 -10.97 -28.56 4.12
N GLU A 376 -12.14 -28.65 3.48
CA GLU A 376 -13.38 -28.38 4.20
C GLU A 376 -13.57 -29.35 5.35
N LYS A 377 -13.04 -30.56 5.20
CA LYS A 377 -12.95 -31.56 6.27
C LYS A 377 -11.48 -31.92 6.46
N SER A 378 -11.23 -32.87 7.36
CA SER A 378 -9.92 -33.46 7.65
C SER A 378 -8.94 -32.51 8.30
N CYS A 379 -9.33 -31.26 8.55
CA CYS A 379 -8.44 -30.26 9.11
C CYS A 379 -8.97 -29.80 10.47
N ASN A 380 -8.13 -29.05 11.19
CA ASN A 380 -8.46 -28.58 12.54
C ASN A 380 -8.97 -27.14 12.43
N GLN A 381 -10.29 -27.02 12.27
CA GLN A 381 -10.88 -25.72 11.98
C GLN A 381 -10.80 -24.77 13.16
N LYS A 382 -10.80 -25.28 14.39
CA LYS A 382 -10.69 -24.41 15.56
C LYS A 382 -9.40 -23.62 15.53
N LEU A 383 -8.29 -24.31 15.23
CA LEU A 383 -7.00 -23.62 15.12
C LEU A 383 -7.03 -22.62 13.97
N MET A 384 -7.65 -22.98 12.85
CA MET A 384 -7.71 -22.07 11.71
C MET A 384 -8.42 -20.78 12.08
N GLU A 385 -9.57 -20.88 12.75
CA GLU A 385 -10.30 -19.69 13.18
C GLU A 385 -9.50 -18.87 14.17
N LYS A 386 -8.87 -19.53 15.15
CA LYS A 386 -8.10 -18.79 16.15
C LYS A 386 -6.93 -18.06 15.53
N LEU A 387 -6.24 -18.68 14.58
CA LEU A 387 -5.16 -18.01 13.87
C LEU A 387 -5.67 -16.87 13.02
N LEU A 388 -6.76 -17.09 12.28
CA LEU A 388 -7.33 -16.06 11.43
C LEU A 388 -7.75 -14.84 12.24
N ASN A 389 -8.21 -15.04 13.47
CA ASN A 389 -8.65 -13.92 14.28
C ASN A 389 -7.53 -12.96 14.64
N VAL A 390 -6.27 -13.40 14.50
CA VAL A 390 -5.11 -12.54 14.71
C VAL A 390 -4.52 -12.09 13.37
N PHE A 391 -4.56 -12.96 12.36
CA PHE A 391 -4.04 -12.59 11.05
C PHE A 391 -4.87 -11.49 10.43
N VAL A 392 -6.18 -11.47 10.69
CA VAL A 392 -7.04 -10.40 10.18
C VAL A 392 -6.58 -9.06 10.75
N TRP A 393 -6.21 -9.03 12.03
CA TRP A 393 -5.78 -7.78 12.61
C TRP A 393 -4.38 -7.40 12.18
N ILE A 394 -3.52 -8.38 11.87
CA ILE A 394 -2.24 -8.04 11.23
C ILE A 394 -2.49 -7.33 9.90
N GLY A 395 -3.39 -7.90 9.10
CA GLY A 395 -3.75 -7.26 7.85
C GLY A 395 -4.32 -5.86 8.05
N TYR A 396 -5.16 -5.71 9.09
CA TYR A 396 -5.70 -4.39 9.42
C TYR A 396 -4.59 -3.41 9.78
N VAL A 397 -3.67 -3.84 10.64
CA VAL A 397 -2.59 -2.99 11.12
C VAL A 397 -1.68 -2.57 9.97
N ASN A 398 -1.62 -3.37 8.90
CA ASN A 398 -0.88 -2.93 7.72
C ASN A 398 -1.34 -1.55 7.25
N SER A 399 -2.63 -1.24 7.40
CA SER A 399 -3.19 0.04 6.96
C SER A 399 -2.73 1.23 7.81
N GLY A 400 -1.80 1.08 8.74
CA GLY A 400 -1.31 2.22 9.48
C GLY A 400 0.20 2.35 9.47
N ILE A 401 0.85 1.69 8.52
CA ILE A 401 2.31 1.56 8.54
C ILE A 401 2.91 2.41 7.42
N ASN A 402 2.18 2.52 6.31
CA ASN A 402 2.65 3.34 5.20
C ASN A 402 2.97 4.77 5.60
N PRO A 403 2.18 5.47 6.42
CA PRO A 403 2.63 6.80 6.88
C PRO A 403 3.97 6.77 7.59
N LEU A 404 4.26 5.71 8.34
CA LEU A 404 5.57 5.61 8.98
C LEU A 404 6.66 5.39 7.95
N VAL A 405 6.38 4.67 6.87
CA VAL A 405 7.35 4.54 5.78
C VAL A 405 7.64 5.91 5.18
N TYR A 406 6.60 6.71 4.95
CA TYR A 406 6.80 8.06 4.43
C TYR A 406 7.64 8.88 5.40
N THR A 407 7.35 8.78 6.70
CA THR A 407 8.10 9.53 7.70
C THR A 407 9.57 9.12 7.70
N LEU A 408 9.84 7.81 7.57
CA LEU A 408 11.21 7.32 7.59
C LEU A 408 11.96 7.58 6.29
N PHE A 409 11.27 7.85 5.19
CA PHE A 409 11.95 8.03 3.91
C PHE A 409 11.52 9.29 3.17
N ASN A 410 10.99 10.30 3.87
CA ASN A 410 10.66 11.57 3.23
C ASN A 410 10.83 12.70 4.24
N LYS A 411 11.70 13.66 3.91
CA LYS A 411 11.78 14.87 4.72
C LYS A 411 10.49 15.66 4.64
N ILE A 412 9.83 15.67 3.48
CA ILE A 412 8.60 16.43 3.33
C ILE A 412 7.53 15.89 4.27
N TYR A 413 7.27 14.58 4.20
CA TYR A 413 6.22 14.00 5.04
C TYR A 413 6.57 14.08 6.51
N ARG A 414 7.84 13.87 6.86
CA ARG A 414 8.23 13.89 8.28
C ARG A 414 8.11 15.29 8.87
N ARG A 415 8.67 16.29 8.18
CA ARG A 415 8.56 17.67 8.64
C ARG A 415 7.10 18.10 8.68
N ALA A 416 6.32 17.72 7.67
CA ALA A 416 4.88 17.93 7.70
C ALA A 416 4.30 17.39 8.99
N PHE A 417 4.40 16.07 9.20
CA PHE A 417 3.78 15.42 10.35
C PHE A 417 4.12 16.14 11.65
N SER A 418 5.39 16.47 11.84
CA SER A 418 5.79 17.16 13.08
C SER A 418 5.13 18.53 13.20
N ASN A 419 5.23 19.34 12.14
CA ASN A 419 4.69 20.70 12.21
C ASN A 419 3.16 20.69 12.30
N TYR A 420 2.52 19.73 11.63
CA TYR A 420 1.07 19.58 11.71
C TYR A 420 0.63 19.20 13.12
N LEU A 421 1.35 18.26 13.75
CA LEU A 421 0.99 17.85 15.10
C LEU A 421 1.12 19.01 16.07
N ARG A 422 2.26 19.71 16.06
CA ARG A 422 2.45 20.76 17.05
C ARG A 422 1.65 22.02 16.72
N CYS A 423 1.57 22.40 15.45
CA CYS A 423 0.95 23.65 15.05
C CYS A 423 -0.56 23.60 15.21
N ASN A 424 -1.19 22.47 14.83
CA ASN A 424 -2.64 22.38 14.88
C ASN A 424 -3.18 22.23 16.30
N TYR A 425 -2.45 21.55 17.17
CA TYR A 425 -2.89 21.37 18.56
C TYR A 425 -1.75 21.55 19.56
#